data_6YQM
#
_entry.id   6YQM
#
_cell.length_a   78.658
_cell.length_b   46.434
_cell.length_c   64.102
_cell.angle_alpha   90.000
_cell.angle_beta   94.244
_cell.angle_gamma   90.000
#
_symmetry.space_group_name_H-M   'C 1 2 1'
#
loop_
_entity.id
_entity.type
_entity.pdbx_description
1 polymer 'Histidine triad nucleotide-binding protein 1'
2 non-polymer "2'-DEOXYGUANOSINE-5'-MONOPHOSPHATE"
3 non-polymer DI(HYDROXYETHYL)ETHER
4 water water
#
_entity_poly.entity_id   1
_entity_poly.type   'polypeptide(L)'
_entity_poly.pdbx_seq_one_letter_code
;MADEIAKAQVARPGGDTIFGKIIRKEIPAKIIFEDDRCLAFHDISPQAPTHFLVIPKKHISQISVAEDDDESLLGHLMIV
GKKCAADLGLNKGYRMVVNEGSDGGQSVYHVHLHVLGGRQMHWPPG
;
_entity_poly.pdbx_strand_id   AAA,BBB
#
# COMPACT_ATOMS: atom_id res chain seq x y z
N VAL A 10 -7.75 -17.60 24.16
CA VAL A 10 -9.08 -16.96 23.90
C VAL A 10 -9.33 -15.77 24.83
N ALA A 11 -8.57 -15.54 25.89
CA ALA A 11 -8.76 -14.34 26.76
C ALA A 11 -8.73 -13.02 25.95
N ARG A 12 -7.82 -12.91 25.00
CA ARG A 12 -7.54 -11.68 24.19
C ARG A 12 -7.34 -11.99 22.69
N PRO A 13 -8.44 -12.06 21.89
N PRO A 13 -8.44 -12.11 21.93
CA PRO A 13 -8.39 -12.25 20.46
CA PRO A 13 -8.39 -12.31 20.49
C PRO A 13 -7.62 -11.09 19.83
C PRO A 13 -7.60 -11.16 19.85
N GLY A 14 -6.70 -11.56 18.95
CA GLY A 14 -5.99 -10.57 18.17
C GLY A 14 -4.52 -10.32 18.67
N GLY A 15 -4.15 -10.93 19.76
CA GLY A 15 -2.76 -10.84 20.20
C GLY A 15 -2.38 -9.57 20.96
N ASP A 16 -1.14 -9.54 21.39
CA ASP A 16 -0.65 -8.57 22.35
C ASP A 16 0.39 -7.60 21.78
N THR A 17 0.48 -7.50 20.47
CA THR A 17 1.16 -6.31 19.94
C THR A 17 0.41 -5.08 20.40
N ILE A 18 1.09 -3.94 20.30
CA ILE A 18 0.48 -2.65 20.69
C ILE A 18 -0.82 -2.47 19.85
N PHE A 19 -0.76 -2.84 18.57
CA PHE A 19 -1.94 -2.66 17.70
C PHE A 19 -3.07 -3.63 18.08
N GLY A 20 -2.75 -4.87 18.47
CA GLY A 20 -3.78 -5.77 18.96
C GLY A 20 -4.48 -5.20 20.16
N LYS A 21 -3.70 -4.59 21.05
CA LYS A 21 -4.27 -3.98 22.26
C LYS A 21 -5.09 -2.73 21.93
N ILE A 22 -4.63 -1.91 20.99
CA ILE A 22 -5.43 -0.75 20.55
C ILE A 22 -6.79 -1.24 20.03
N ILE A 23 -6.80 -2.31 19.25
CA ILE A 23 -8.06 -2.86 18.70
C ILE A 23 -9.04 -3.17 19.82
N ARG A 24 -8.54 -3.76 20.89
CA ARG A 24 -9.36 -4.14 22.04
C ARG A 24 -9.59 -2.99 23.04
N LYS A 25 -9.21 -1.76 22.71
CA LYS A 25 -9.46 -0.59 23.55
C LYS A 25 -8.68 -0.69 24.86
N GLU A 26 -7.57 -1.42 24.87
CA GLU A 26 -6.76 -1.59 26.07
C GLU A 26 -5.68 -0.50 26.20
N ILE A 27 -5.31 0.08 25.06
CA ILE A 27 -4.35 1.20 24.94
C ILE A 27 -5.06 2.26 24.17
N PRO A 28 -5.05 3.53 24.63
N PRO A 28 -5.07 3.52 24.60
CA PRO A 28 -5.74 4.59 23.89
CA PRO A 28 -5.84 4.51 23.86
C PRO A 28 -5.14 4.90 22.53
C PRO A 28 -5.17 4.90 22.56
N ALA A 29 -6.01 5.31 21.62
CA ALA A 29 -5.59 5.82 20.31
C ALA A 29 -6.62 6.86 19.86
N LYS A 30 -6.23 7.65 18.89
N LYS A 30 -6.23 7.68 18.90
CA LYS A 30 -7.06 8.70 18.34
CA LYS A 30 -7.09 8.69 18.30
C LYS A 30 -7.66 8.19 17.04
C LYS A 30 -7.72 8.11 17.04
N ILE A 31 -8.87 7.66 17.17
N ILE A 31 -8.91 7.51 17.21
CA ILE A 31 -9.48 6.85 16.12
CA ILE A 31 -9.62 6.74 16.18
C ILE A 31 -10.25 7.72 15.15
C ILE A 31 -10.26 7.68 15.16
N ILE A 32 -10.10 7.39 13.90
CA ILE A 32 -10.71 8.10 12.77
C ILE A 32 -11.89 7.33 12.22
N PHE A 33 -11.78 6.01 12.11
CA PHE A 33 -12.80 5.16 11.48
C PHE A 33 -12.64 3.77 12.05
N GLU A 34 -13.76 3.06 12.19
CA GLU A 34 -13.74 1.68 12.67
C GLU A 34 -14.88 0.94 11.99
N ASP A 35 -14.58 -0.26 11.50
CA ASP A 35 -15.61 -1.21 11.06
C ASP A 35 -15.25 -2.60 11.57
N ASP A 36 -15.99 -3.58 11.10
CA ASP A 36 -15.76 -4.96 11.57
C ASP A 36 -14.44 -5.55 11.09
N ARG A 37 -13.87 -4.98 10.04
N ARG A 37 -13.86 -4.98 10.03
CA ARG A 37 -12.63 -5.50 9.46
CA ARG A 37 -12.63 -5.51 9.43
C ARG A 37 -11.39 -4.72 9.82
C ARG A 37 -11.39 -4.72 9.81
N CYS A 38 -11.50 -3.44 10.17
CA CYS A 38 -10.31 -2.60 10.25
C CYS A 38 -10.54 -1.42 11.19
N LEU A 39 -9.43 -0.73 11.45
CA LEU A 39 -9.38 0.40 12.35
C LEU A 39 -8.41 1.42 11.75
N ALA A 40 -8.81 2.69 11.71
CA ALA A 40 -7.92 3.78 11.27
C ALA A 40 -7.70 4.70 12.46
N PHE A 41 -6.43 5.07 12.72
CA PHE A 41 -6.12 5.91 13.87
C PHE A 41 -4.85 6.68 13.57
N HIS A 42 -4.67 7.80 14.25
CA HIS A 42 -3.49 8.66 13.98
C HIS A 42 -2.19 8.02 14.49
N ASP A 43 -1.12 8.26 13.76
CA ASP A 43 0.21 7.78 14.15
C ASP A 43 0.77 8.66 15.27
N ILE A 44 1.30 8.05 16.31
CA ILE A 44 1.84 8.80 17.46
C ILE A 44 3.12 9.57 17.14
N SER A 45 3.80 9.18 16.07
N SER A 45 3.80 9.17 16.07
CA SER A 45 5.10 9.79 15.68
CA SER A 45 5.10 9.78 15.64
C SER A 45 4.94 10.27 14.23
C SER A 45 4.92 10.26 14.21
N PRO A 46 4.11 11.30 13.98
CA PRO A 46 3.77 11.65 12.61
C PRO A 46 4.98 12.15 11.84
N GLN A 47 5.00 11.73 10.56
CA GLN A 47 6.05 12.12 9.62
C GLN A 47 5.56 13.11 8.59
N ALA A 48 4.32 13.52 8.70
CA ALA A 48 3.72 14.52 7.83
C ALA A 48 2.63 15.20 8.66
N PRO A 49 2.13 16.36 8.17
CA PRO A 49 1.13 17.08 8.95
C PRO A 49 -0.08 16.24 9.29
N THR A 50 -0.48 15.35 8.38
CA THR A 50 -1.44 14.30 8.66
C THR A 50 -0.75 12.96 8.42
N HIS A 51 -0.84 12.07 9.41
CA HIS A 51 -0.21 10.74 9.29
C HIS A 51 -1.03 9.81 10.14
N PHE A 52 -1.74 8.88 9.46
CA PHE A 52 -2.55 7.90 10.14
C PHE A 52 -2.23 6.51 9.62
N LEU A 53 -2.79 5.53 10.32
CA LEU A 53 -2.62 4.10 10.07
C LEU A 53 -3.98 3.46 9.85
N VAL A 54 -4.03 2.51 8.93
CA VAL A 54 -5.21 1.66 8.73
C VAL A 54 -4.76 0.22 8.96
N ILE A 55 -5.38 -0.46 9.90
CA ILE A 55 -4.92 -1.80 10.29
C ILE A 55 -6.09 -2.76 10.24
N PRO A 56 -5.83 -4.05 9.90
N PRO A 56 -5.85 -4.04 9.87
CA PRO A 56 -6.87 -5.04 10.02
CA PRO A 56 -6.89 -5.04 10.02
C PRO A 56 -7.14 -5.35 11.48
C PRO A 56 -7.14 -5.34 11.49
N LYS A 57 -8.37 -5.74 11.80
CA LYS A 57 -8.67 -6.31 13.12
C LYS A 57 -8.10 -7.73 13.23
N LYS A 58 -8.12 -8.49 12.14
CA LYS A 58 -7.46 -9.79 12.08
C LYS A 58 -5.95 -9.56 12.23
N HIS A 59 -5.33 -10.33 13.11
CA HIS A 59 -3.88 -10.23 13.27
C HIS A 59 -3.16 -10.98 12.16
N ILE A 60 -2.35 -10.24 11.40
CA ILE A 60 -1.43 -10.75 10.40
C ILE A 60 -0.13 -10.08 10.71
N SER A 61 0.96 -10.78 10.89
CA SER A 61 2.21 -10.16 11.36
C SER A 61 2.82 -9.19 10.34
N GLN A 62 2.79 -9.57 9.07
CA GLN A 62 3.51 -8.85 8.02
C GLN A 62 2.96 -9.30 6.69
N ILE A 63 3.22 -8.47 5.70
N ILE A 63 3.05 -8.38 5.76
N ILE A 63 3.13 -8.55 5.60
CA ILE A 63 2.61 -8.71 4.38
CA ILE A 63 2.44 -8.60 4.44
CA ILE A 63 2.58 -8.99 4.28
C ILE A 63 3.20 -9.99 3.75
C ILE A 63 3.08 -9.87 3.81
C ILE A 63 3.10 -10.33 3.83
N SER A 64 4.43 -10.42 4.08
N SER A 64 4.34 -10.25 4.14
CA SER A 64 5.13 -11.61 3.53
CA SER A 64 5.05 -11.37 3.50
C SER A 64 4.28 -12.81 3.85
C SER A 64 4.41 -12.70 3.90
N VAL A 65 3.56 -12.77 4.96
CA VAL A 65 2.82 -13.96 5.38
C VAL A 65 1.31 -13.85 5.17
N ALA A 66 0.82 -12.83 4.49
CA ALA A 66 -0.62 -12.74 4.18
C ALA A 66 -1.03 -13.89 3.28
N GLU A 67 -2.25 -14.38 3.47
CA GLU A 67 -2.79 -15.49 2.68
C GLU A 67 -3.44 -14.92 1.40
N ASP A 68 -3.65 -15.77 0.39
CA ASP A 68 -4.39 -15.35 -0.79
C ASP A 68 -5.77 -14.84 -0.43
N ASP A 69 -6.46 -15.46 0.50
N ASP A 69 -6.40 -15.49 0.54
CA ASP A 69 -7.84 -15.04 0.86
CA ASP A 69 -7.79 -15.15 0.90
C ASP A 69 -7.83 -13.76 1.72
C ASP A 69 -7.84 -13.77 1.61
N ASP A 70 -6.67 -13.19 1.96
CA ASP A 70 -6.60 -11.85 2.58
C ASP A 70 -6.71 -10.73 1.57
N GLU A 71 -6.88 -11.02 0.27
CA GLU A 71 -6.89 -9.94 -0.71
C GLU A 71 -7.93 -8.91 -0.41
N SER A 72 -9.16 -9.34 -0.13
N SER A 72 -9.15 -9.37 -0.15
N SER A 72 -9.18 -9.30 -0.14
CA SER A 72 -10.24 -8.35 0.08
CA SER A 72 -10.27 -8.45 0.11
CA SER A 72 -10.20 -8.22 0.02
C SER A 72 -9.89 -7.46 1.27
C SER A 72 -9.90 -7.51 1.26
C SER A 72 -9.88 -7.43 1.29
N LEU A 73 -9.39 -8.06 2.34
CA LEU A 73 -9.05 -7.30 3.54
C LEU A 73 -7.97 -6.27 3.25
N LEU A 74 -6.90 -6.69 2.54
CA LEU A 74 -5.83 -5.74 2.22
C LEU A 74 -6.36 -4.61 1.36
N GLY A 75 -7.16 -4.94 0.35
CA GLY A 75 -7.76 -3.89 -0.45
C GLY A 75 -8.65 -2.97 0.36
N HIS A 76 -9.37 -3.52 1.33
CA HIS A 76 -10.21 -2.71 2.20
C HIS A 76 -9.38 -1.67 2.97
N LEU A 77 -8.16 -2.05 3.38
CA LEU A 77 -7.30 -1.06 4.05
C LEU A 77 -7.09 0.16 3.16
N MET A 78 -6.86 -0.08 1.86
N MET A 78 -6.87 -0.08 1.87
N MET A 78 -6.83 -0.09 1.86
CA MET A 78 -6.61 1.02 0.89
CA MET A 78 -6.61 1.03 0.92
CA MET A 78 -6.61 1.01 0.93
C MET A 78 -7.89 1.83 0.67
C MET A 78 -7.89 1.82 0.65
C MET A 78 -7.88 1.81 0.66
N ILE A 79 -9.03 1.16 0.53
CA ILE A 79 -10.29 1.88 0.32
C ILE A 79 -10.61 2.73 1.55
N VAL A 80 -10.47 2.17 2.74
CA VAL A 80 -10.71 2.93 3.97
C VAL A 80 -9.69 4.06 4.07
N GLY A 81 -8.41 3.80 3.74
CA GLY A 81 -7.42 4.87 3.77
C GLY A 81 -7.78 6.02 2.85
N LYS A 82 -8.20 5.72 1.63
CA LYS A 82 -8.57 6.79 0.70
C LYS A 82 -9.78 7.56 1.19
N LYS A 83 -10.75 6.86 1.78
N LYS A 83 -10.79 6.87 1.73
CA LYS A 83 -11.95 7.56 2.28
CA LYS A 83 -11.98 7.57 2.27
C LYS A 83 -11.58 8.43 3.48
C LYS A 83 -11.59 8.45 3.47
N CYS A 84 -10.79 7.92 4.39
CA CYS A 84 -10.36 8.71 5.54
C CYS A 84 -9.55 9.93 5.09
N ALA A 85 -8.70 9.76 4.09
CA ALA A 85 -7.93 10.92 3.57
C ALA A 85 -8.85 11.99 3.07
N ALA A 86 -9.88 11.61 2.34
CA ALA A 86 -10.84 12.63 1.85
C ALA A 86 -11.56 13.27 3.04
N ASP A 87 -11.97 12.49 4.04
CA ASP A 87 -12.65 13.02 5.22
C ASP A 87 -11.77 13.98 5.99
N LEU A 88 -10.47 13.79 5.92
CA LEU A 88 -9.47 14.64 6.60
C LEU A 88 -9.01 15.78 5.71
N GLY A 89 -9.63 15.99 4.55
CA GLY A 89 -9.33 17.18 3.75
C GLY A 89 -8.04 17.13 2.99
N LEU A 90 -7.51 15.94 2.69
CA LEU A 90 -6.21 15.81 1.99
C LEU A 90 -6.42 15.93 0.50
N ASN A 91 -6.90 17.10 0.08
N ASN A 91 -6.85 17.11 0.03
CA ASN A 91 -7.34 17.32 -1.29
CA ASN A 91 -7.37 17.30 -1.35
C ASN A 91 -6.19 17.44 -2.27
C ASN A 91 -6.26 17.53 -2.36
N LYS A 92 -4.96 17.63 -1.83
N LYS A 92 -5.03 17.58 -1.90
CA LYS A 92 -3.84 17.66 -2.76
CA LYS A 92 -3.88 17.63 -2.78
C LYS A 92 -3.18 16.30 -2.92
C LYS A 92 -3.18 16.29 -2.91
N GLY A 93 -3.62 15.31 -2.15
CA GLY A 93 -3.11 13.95 -2.25
C GLY A 93 -2.37 13.50 -1.03
N TYR A 94 -1.72 12.34 -1.18
CA TYR A 94 -1.20 11.63 -0.02
C TYR A 94 -0.38 10.44 -0.53
N ARG A 95 0.35 9.82 0.38
CA ARG A 95 1.15 8.62 0.11
C ARG A 95 0.74 7.53 1.06
N MET A 96 0.55 6.32 0.51
CA MET A 96 0.25 5.12 1.27
C MET A 96 1.51 4.27 1.30
N VAL A 97 1.83 3.71 2.48
CA VAL A 97 3.07 2.95 2.66
C VAL A 97 2.79 1.69 3.51
N VAL A 98 3.37 0.57 3.07
CA VAL A 98 3.50 -0.62 3.91
C VAL A 98 4.98 -0.90 4.08
N ASN A 99 5.41 -1.00 5.32
CA ASN A 99 6.79 -1.35 5.66
C ASN A 99 6.85 -2.83 5.97
N GLU A 100 7.59 -3.64 5.20
N GLU A 100 7.72 -3.52 5.29
CA GLU A 100 7.79 -5.11 5.41
CA GLU A 100 7.79 -4.98 5.43
C GLU A 100 9.19 -5.37 5.92
C GLU A 100 9.18 -5.37 5.92
N GLY A 101 9.24 -5.96 7.11
CA GLY A 101 10.49 -6.52 7.60
C GLY A 101 11.55 -5.50 7.90
N SER A 102 12.75 -6.01 8.02
N SER A 102 12.78 -5.94 8.10
CA SER A 102 13.88 -5.19 8.48
CA SER A 102 13.84 -5.02 8.55
C SER A 102 14.23 -4.10 7.47
C SER A 102 14.22 -4.02 7.46
N ASP A 103 14.36 -4.46 6.22
CA ASP A 103 14.72 -3.48 5.18
C ASP A 103 13.56 -2.50 4.93
N GLY A 104 12.32 -2.90 5.21
CA GLY A 104 11.22 -1.97 5.08
C GLY A 104 11.10 -1.03 6.27
N GLY A 105 11.87 -1.27 7.35
CA GLY A 105 11.78 -0.44 8.55
C GLY A 105 10.64 -0.84 9.44
N GLN A 106 10.02 -2.01 9.28
CA GLN A 106 8.89 -2.39 10.13
C GLN A 106 9.29 -2.45 11.62
N SER A 107 8.42 -1.97 12.48
N SER A 107 8.43 -1.85 12.43
CA SER A 107 8.68 -1.93 13.93
CA SER A 107 8.64 -1.83 13.90
C SER A 107 7.53 -2.54 14.72
C SER A 107 7.56 -2.58 14.67
N VAL A 108 6.33 -2.63 14.16
CA VAL A 108 5.19 -3.31 14.81
C VAL A 108 4.78 -4.42 13.88
N TYR A 109 4.81 -5.66 14.37
CA TYR A 109 4.48 -6.84 13.59
C TYR A 109 3.01 -7.17 13.70
N HIS A 110 2.21 -6.23 13.21
CA HIS A 110 0.78 -6.35 12.93
C HIS A 110 0.57 -5.48 11.69
N VAL A 111 0.13 -6.05 10.58
CA VAL A 111 0.09 -5.36 9.28
C VAL A 111 -0.60 -4.02 9.44
N HIS A 112 -0.06 -3.02 8.76
CA HIS A 112 -0.65 -1.68 8.78
C HIS A 112 -0.26 -0.91 7.54
N LEU A 113 -1.18 -0.08 7.11
CA LEU A 113 -0.99 0.86 6.01
C LEU A 113 -0.86 2.26 6.57
N HIS A 114 0.26 2.92 6.31
CA HIS A 114 0.42 4.33 6.60
C HIS A 114 -0.25 5.15 5.52
N VAL A 115 -0.83 6.30 5.92
CA VAL A 115 -1.34 7.31 4.98
C VAL A 115 -0.77 8.64 5.48
N LEU A 116 0.01 9.30 4.60
CA LEU A 116 0.73 10.54 4.92
C LEU A 116 0.30 11.63 3.95
N GLY A 117 0.01 12.82 4.46
CA GLY A 117 -0.26 13.96 3.59
C GLY A 117 -0.22 15.27 4.34
N GLY A 118 -0.69 16.30 3.64
CA GLY A 118 -0.63 17.66 4.15
C GLY A 118 0.67 18.36 3.89
N ARG A 119 1.55 17.76 3.11
CA ARG A 119 2.77 18.41 2.62
C ARG A 119 3.16 17.70 1.34
N GLN A 120 4.08 18.30 0.60
CA GLN A 120 4.67 17.65 -0.56
C GLN A 120 5.51 16.46 -0.07
N MET A 121 5.19 15.26 -0.55
CA MET A 121 6.03 14.07 -0.34
C MET A 121 7.09 14.02 -1.45
N HIS A 122 8.24 13.48 -1.06
CA HIS A 122 9.44 13.53 -1.90
C HIS A 122 9.76 12.15 -2.49
N TRP A 123 10.63 12.13 -3.49
CA TRP A 123 11.04 10.89 -4.12
C TRP A 123 12.56 10.80 -3.98
N PRO A 124 13.16 9.68 -3.62
CA PRO A 124 12.52 8.39 -3.37
C PRO A 124 11.77 8.38 -2.04
N PRO A 125 10.94 7.36 -1.84
CA PRO A 125 10.09 7.28 -0.64
C PRO A 125 10.87 6.60 0.50
N GLY A 126 11.92 7.27 0.94
CA GLY A 126 12.90 6.67 1.82
C GLY A 126 13.90 5.79 1.07
N GLY B 15 -8.04 8.89 -21.62
CA GLY B 15 -6.99 9.35 -20.64
C GLY B 15 -5.88 8.28 -20.54
N ASP B 16 -5.45 7.76 -21.67
CA ASP B 16 -4.45 6.66 -21.67
C ASP B 16 -3.14 7.21 -21.13
N THR B 17 -2.29 6.32 -20.70
CA THR B 17 -0.95 6.64 -20.21
C THR B 17 0.06 5.66 -20.76
N ILE B 18 1.31 5.95 -20.44
CA ILE B 18 2.41 5.06 -20.83
C ILE B 18 2.20 3.68 -20.21
N PHE B 19 1.57 3.58 -19.04
CA PHE B 19 1.32 2.25 -18.46
C PHE B 19 0.27 1.49 -19.27
N GLY B 20 -0.68 2.17 -19.89
CA GLY B 20 -1.58 1.53 -20.83
C GLY B 20 -0.83 0.95 -21.99
N LYS B 21 0.16 1.68 -22.52
N LYS B 21 0.15 1.68 -22.53
N LYS B 21 0.12 1.69 -22.53
CA LYS B 21 0.99 1.21 -23.65
CA LYS B 21 0.98 1.19 -23.65
CA LYS B 21 0.92 1.16 -23.63
C LYS B 21 1.76 -0.04 -23.22
C LYS B 21 1.76 -0.04 -23.22
C LYS B 21 1.73 -0.05 -23.20
N ILE B 22 2.28 -0.05 -22.00
CA ILE B 22 3.01 -1.21 -21.48
C ILE B 22 2.08 -2.42 -21.38
N ILE B 23 0.88 -2.22 -20.82
CA ILE B 23 -0.09 -3.35 -20.70
C ILE B 23 -0.42 -3.93 -22.06
N ARG B 24 -0.59 -3.08 -23.04
CA ARG B 24 -0.95 -3.51 -24.41
C ARG B 24 0.23 -4.07 -25.20
N LYS B 25 1.42 -4.06 -24.59
N LYS B 25 1.42 -4.02 -24.60
CA LYS B 25 2.68 -4.58 -25.15
CA LYS B 25 2.66 -4.60 -25.18
C LYS B 25 3.12 -3.71 -26.35
C LYS B 25 3.10 -3.73 -26.36
N GLU B 26 2.70 -2.47 -26.38
CA GLU B 26 3.10 -1.54 -27.45
C GLU B 26 4.51 -1.00 -27.28
N ILE B 27 4.94 -0.89 -26.03
CA ILE B 27 6.34 -0.50 -25.79
C ILE B 27 6.86 -1.49 -24.77
N PRO B 28 8.18 -1.65 -24.71
N PRO B 28 8.20 -1.68 -24.80
CA PRO B 28 8.66 -2.70 -23.86
CA PRO B 28 8.85 -2.66 -23.93
C PRO B 28 8.84 -2.27 -22.43
C PRO B 28 8.85 -2.26 -22.45
N ALA B 29 8.84 -3.27 -21.58
CA ALA B 29 9.13 -3.18 -20.16
C ALA B 29 9.68 -4.54 -19.74
N LYS B 30 10.42 -4.60 -18.66
N LYS B 30 10.38 -4.59 -18.64
CA LYS B 30 10.96 -5.87 -18.13
CA LYS B 30 10.92 -5.84 -18.12
C LYS B 30 9.86 -6.49 -17.24
C LYS B 30 9.83 -6.46 -17.24
N ILE B 31 9.05 -7.33 -17.84
CA ILE B 31 7.90 -7.92 -17.17
C ILE B 31 8.33 -9.02 -16.23
N ILE B 32 7.81 -8.99 -15.01
CA ILE B 32 8.10 -9.99 -13.96
C ILE B 32 6.96 -11.00 -13.86
N PHE B 33 5.72 -10.55 -13.98
CA PHE B 33 4.55 -11.42 -13.76
C PHE B 33 3.38 -10.81 -14.50
N GLU B 34 2.46 -11.66 -14.95
CA GLU B 34 1.23 -11.22 -15.56
C GLU B 34 0.14 -12.20 -15.19
N ASP B 35 -1.07 -11.71 -15.01
CA ASP B 35 -2.24 -12.61 -15.00
C ASP B 35 -3.33 -11.92 -15.79
N ASP B 36 -4.60 -12.36 -15.59
CA ASP B 36 -5.72 -11.79 -16.34
C ASP B 36 -6.10 -10.37 -15.90
N ARG B 37 -5.53 -9.90 -14.80
CA ARG B 37 -6.05 -8.66 -14.19
C ARG B 37 -4.94 -7.73 -13.72
N CYS B 38 -3.69 -8.07 -13.85
CA CYS B 38 -2.61 -7.18 -13.42
C CYS B 38 -1.34 -7.55 -14.17
N LEU B 39 -0.36 -6.62 -14.04
CA LEU B 39 0.95 -6.77 -14.65
C LEU B 39 1.99 -6.24 -13.65
N ALA B 40 3.08 -6.95 -13.48
CA ALA B 40 4.20 -6.50 -12.65
C ALA B 40 5.44 -6.36 -13.53
N PHE B 41 6.16 -5.26 -13.38
CA PHE B 41 7.30 -4.97 -14.25
C PHE B 41 8.28 -4.08 -13.51
N HIS B 42 9.57 -4.18 -13.84
CA HIS B 42 10.58 -3.34 -13.21
C HIS B 42 10.37 -1.87 -13.56
N ASP B 43 10.57 -0.99 -12.60
N ASP B 43 10.61 -1.01 -12.60
CA ASP B 43 10.49 0.48 -12.82
CA ASP B 43 10.48 0.41 -12.89
C ASP B 43 11.66 0.91 -13.71
C ASP B 43 11.67 0.88 -13.73
N ILE B 44 11.40 1.75 -14.67
CA ILE B 44 12.48 2.27 -15.54
C ILE B 44 13.41 3.20 -14.80
N SER B 45 12.98 3.77 -13.68
N SER B 45 12.99 3.78 -13.69
CA SER B 45 13.70 4.75 -12.87
CA SER B 45 13.79 4.72 -12.90
C SER B 45 13.89 4.19 -11.47
C SER B 45 13.90 4.18 -11.48
N PRO B 46 14.60 3.07 -11.29
CA PRO B 46 14.56 2.38 -9.99
C PRO B 46 15.22 3.23 -8.91
N GLN B 47 14.62 3.19 -7.73
CA GLN B 47 15.07 3.94 -6.54
C GLN B 47 15.66 3.03 -5.49
N ALA B 48 15.81 1.75 -5.80
CA ALA B 48 16.39 0.76 -4.94
C ALA B 48 16.97 -0.32 -5.85
N PRO B 49 17.80 -1.23 -5.32
CA PRO B 49 18.37 -2.26 -6.17
C PRO B 49 17.29 -3.12 -6.83
N THR B 50 16.18 -3.36 -6.12
CA THR B 50 14.96 -3.89 -6.71
C THR B 50 13.86 -2.85 -6.56
N HIS B 51 13.23 -2.50 -7.67
CA HIS B 51 12.12 -1.57 -7.65
C HIS B 51 11.22 -1.91 -8.80
N PHE B 52 10.04 -2.48 -8.48
CA PHE B 52 9.08 -2.85 -9.50
C PHE B 52 7.71 -2.29 -9.17
N LEU B 53 6.83 -2.38 -10.16
CA LEU B 53 5.47 -1.90 -10.08
C LEU B 53 4.53 -3.08 -10.26
N VAL B 54 3.38 -3.02 -9.58
CA VAL B 54 2.24 -3.92 -9.86
C VAL B 54 1.07 -3.03 -10.20
N ILE B 55 0.48 -3.24 -11.37
N ILE B 55 0.47 -3.22 -11.37
CA ILE B 55 -0.58 -2.34 -11.83
CA ILE B 55 -0.57 -2.31 -11.94
C ILE B 55 -1.76 -3.17 -12.25
C ILE B 55 -1.78 -3.16 -12.29
N PRO B 56 -3.00 -2.69 -12.03
CA PRO B 56 -4.16 -3.37 -12.57
C PRO B 56 -4.27 -3.13 -14.07
N LYS B 57 -4.82 -4.10 -14.78
CA LYS B 57 -5.17 -3.89 -16.19
C LYS B 57 -6.32 -2.90 -16.34
N LYS B 58 -7.24 -2.89 -15.39
CA LYS B 58 -8.32 -1.91 -15.38
C LYS B 58 -7.69 -0.51 -15.20
N HIS B 59 -8.11 0.44 -16.01
CA HIS B 59 -7.56 1.82 -15.93
C HIS B 59 -8.28 2.58 -14.81
N ILE B 60 -7.89 2.40 -13.61
CA ILE B 60 -8.23 3.19 -12.42
C ILE B 60 -7.16 4.27 -12.38
N SER B 61 -7.54 5.53 -12.49
CA SER B 61 -6.54 6.58 -12.65
C SER B 61 -5.74 6.87 -11.41
N GLN B 62 -6.31 6.61 -10.24
N GLN B 62 -6.46 6.87 -10.28
CA GLN B 62 -5.70 7.00 -8.98
CA GLN B 62 -6.01 7.33 -8.95
C GLN B 62 -6.50 6.39 -7.88
C GLN B 62 -6.66 6.46 -7.87
N ILE B 63 -5.86 6.18 -6.74
N ILE B 63 -5.96 6.13 -6.78
CA ILE B 63 -6.58 5.44 -5.69
CA ILE B 63 -6.57 5.43 -5.63
C ILE B 63 -7.76 6.23 -5.13
C ILE B 63 -7.77 6.23 -5.13
N SER B 64 -7.72 7.56 -5.21
CA SER B 64 -8.82 8.38 -4.66
C SER B 64 -10.14 8.09 -5.37
N VAL B 65 -10.11 7.57 -6.61
CA VAL B 65 -11.37 7.29 -7.36
C VAL B 65 -11.62 5.81 -7.43
N ALA B 66 -10.89 4.96 -6.72
CA ALA B 66 -11.19 3.52 -6.72
C ALA B 66 -12.57 3.29 -6.11
N GLU B 67 -13.26 2.32 -6.64
CA GLU B 67 -14.63 1.96 -6.25
C GLU B 67 -14.57 0.79 -5.27
N ASP B 68 -15.58 0.75 -4.40
N ASP B 68 -15.64 0.59 -4.54
CA ASP B 68 -15.61 -0.35 -3.40
CA ASP B 68 -15.63 -0.29 -3.35
C ASP B 68 -15.28 -1.64 -4.21
C ASP B 68 -15.75 -1.77 -3.88
N ASP B 69 -16.18 -1.82 -5.26
N ASP B 69 -16.19 -1.89 -5.25
CA ASP B 69 -16.15 -3.10 -6.01
CA ASP B 69 -16.13 -3.17 -6.02
C ASP B 69 -14.68 -3.50 -6.38
C ASP B 69 -14.68 -3.52 -6.42
N ASP B 70 -13.70 -2.60 -6.34
CA ASP B 70 -12.31 -2.81 -6.69
C ASP B 70 -11.46 -3.26 -5.53
N GLU B 71 -12.09 -3.40 -4.39
N GLU B 71 -12.08 -3.45 -4.34
CA GLU B 71 -11.31 -3.71 -3.21
CA GLU B 71 -11.26 -3.71 -3.11
C GLU B 71 -10.42 -4.98 -3.34
C GLU B 71 -10.36 -4.93 -3.44
N SER B 72 -11.02 -6.08 -3.83
CA SER B 72 -10.23 -7.33 -3.92
C SER B 72 -9.14 -7.23 -4.98
N LEU B 73 -9.40 -6.50 -6.06
CA LEU B 73 -8.38 -6.22 -7.10
C LEU B 73 -7.21 -5.46 -6.50
N LEU B 74 -7.47 -4.46 -5.68
CA LEU B 74 -6.37 -3.71 -5.02
C LEU B 74 -5.57 -4.63 -4.13
N GLY B 75 -6.26 -5.49 -3.34
CA GLY B 75 -5.54 -6.44 -2.52
C GLY B 75 -4.71 -7.44 -3.34
N HIS B 76 -5.27 -7.82 -4.50
CA HIS B 76 -4.54 -8.69 -5.42
C HIS B 76 -3.22 -8.06 -5.83
N LEU B 77 -3.20 -6.75 -6.05
CA LEU B 77 -1.89 -6.10 -6.37
C LEU B 77 -0.89 -6.34 -5.27
N MET B 78 -1.32 -6.27 -4.03
N MET B 78 -1.31 -6.25 -4.01
N MET B 78 -1.32 -6.25 -4.00
CA MET B 78 -0.40 -6.50 -2.91
CA MET B 78 -0.41 -6.46 -2.88
CA MET B 78 -0.40 -6.46 -2.85
C MET B 78 0.03 -7.95 -2.78
C MET B 78 0.02 -7.92 -2.74
C MET B 78 0.02 -7.92 -2.73
N ILE B 79 -0.90 -8.89 -2.96
CA ILE B 79 -0.51 -10.30 -2.92
C ILE B 79 0.45 -10.63 -4.05
N VAL B 80 0.17 -10.13 -5.26
CA VAL B 80 1.13 -10.33 -6.38
C VAL B 80 2.46 -9.67 -6.04
N GLY B 81 2.41 -8.47 -5.47
CA GLY B 81 3.67 -7.79 -5.08
C GLY B 81 4.50 -8.61 -4.08
N LYS B 82 3.80 -9.16 -3.07
N LYS B 82 3.82 -9.16 -3.09
CA LYS B 82 4.47 -9.98 -2.05
CA LYS B 82 4.65 -9.87 -2.11
C LYS B 82 5.12 -11.20 -2.70
C LYS B 82 5.15 -11.19 -2.70
N LYS B 83 4.42 -11.85 -3.61
CA LYS B 83 4.94 -13.07 -4.28
C LYS B 83 6.10 -12.69 -5.18
N CYS B 84 5.99 -11.64 -5.95
CA CYS B 84 7.09 -11.20 -6.80
C CYS B 84 8.30 -10.80 -5.96
N ALA B 85 8.11 -10.15 -4.81
CA ALA B 85 9.23 -9.77 -3.95
C ALA B 85 9.97 -11.01 -3.49
N ALA B 86 9.21 -12.04 -3.10
CA ALA B 86 9.86 -13.27 -2.65
C ALA B 86 10.66 -13.88 -3.78
N ASP B 87 10.10 -13.92 -4.98
CA ASP B 87 10.77 -14.49 -6.17
C ASP B 87 12.04 -13.73 -6.54
N LEU B 88 12.05 -12.44 -6.26
CA LEU B 88 13.22 -11.54 -6.52
C LEU B 88 14.20 -11.50 -5.36
N GLY B 89 13.98 -12.36 -4.36
CA GLY B 89 14.97 -12.53 -3.30
C GLY B 89 14.94 -11.48 -2.21
N LEU B 90 13.80 -10.81 -2.00
CA LEU B 90 13.73 -9.75 -0.99
C LEU B 90 13.34 -10.33 0.38
N ASN B 91 14.21 -11.20 0.92
N ASN B 91 14.23 -11.22 0.87
CA ASN B 91 13.91 -11.95 2.15
CA ASN B 91 14.01 -11.94 2.12
C ASN B 91 14.24 -11.11 3.39
C ASN B 91 14.17 -11.05 3.34
N LYS B 92 14.83 -9.92 3.20
CA LYS B 92 15.02 -9.01 4.33
C LYS B 92 13.94 -7.96 4.39
N GLY B 93 13.02 -7.96 3.43
CA GLY B 93 11.92 -7.02 3.46
C GLY B 93 11.97 -6.03 2.34
N TYR B 94 11.02 -5.09 2.41
CA TYR B 94 10.76 -4.17 1.29
C TYR B 94 9.76 -3.15 1.76
N ARG B 95 9.52 -2.16 0.90
CA ARG B 95 8.49 -1.14 1.14
C ARG B 95 7.53 -1.12 -0.04
N MET B 96 6.23 -1.08 0.27
CA MET B 96 5.20 -0.90 -0.74
C MET B 96 4.68 0.53 -0.65
N VAL B 97 4.45 1.14 -1.81
CA VAL B 97 4.01 2.55 -1.86
C VAL B 97 2.93 2.72 -2.91
N VAL B 98 1.86 3.45 -2.56
CA VAL B 98 0.90 3.97 -3.54
C VAL B 98 0.87 5.48 -3.37
N ASN B 99 1.14 6.19 -4.46
CA ASN B 99 1.09 7.64 -4.46
C ASN B 99 -0.24 8.14 -5.01
N GLU B 100 -0.78 9.19 -4.40
CA GLU B 100 -2.00 9.87 -4.86
C GLU B 100 -1.72 11.35 -5.08
N GLY B 101 -1.99 11.81 -6.29
CA GLY B 101 -2.02 13.24 -6.59
C GLY B 101 -0.70 13.93 -6.44
N SER B 102 -0.81 15.24 -6.40
N SER B 102 -0.76 15.25 -6.43
CA SER B 102 0.33 16.17 -6.44
CA SER B 102 0.50 16.03 -6.48
C SER B 102 1.19 15.97 -5.21
C SER B 102 1.26 15.96 -5.17
N ASP B 103 0.59 16.09 -4.03
CA ASP B 103 1.34 15.95 -2.78
C ASP B 103 1.90 14.54 -2.63
N GLY B 104 1.20 13.53 -3.12
CA GLY B 104 1.73 12.15 -3.07
C GLY B 104 2.84 11.89 -4.02
N GLY B 105 3.10 12.81 -4.96
CA GLY B 105 4.12 12.57 -5.96
C GLY B 105 3.72 11.56 -7.02
N GLN B 106 2.44 11.38 -7.28
CA GLN B 106 2.02 10.40 -8.28
C GLN B 106 2.52 10.81 -9.66
N SER B 107 3.25 9.91 -10.31
N SER B 107 3.25 9.93 -10.33
CA SER B 107 3.94 10.25 -11.56
CA SER B 107 3.92 10.29 -11.60
C SER B 107 3.19 9.86 -12.83
C SER B 107 3.08 9.93 -12.84
N VAL B 108 2.22 8.93 -12.71
CA VAL B 108 1.42 8.40 -13.83
C VAL B 108 0.02 8.22 -13.29
N TYR B 109 -0.99 8.71 -14.03
N TYR B 109 -0.99 8.71 -14.02
CA TYR B 109 -2.41 8.58 -13.59
CA TYR B 109 -2.42 8.59 -13.58
C TYR B 109 -3.00 7.26 -14.08
C TYR B 109 -3.01 7.26 -14.07
N HIS B 110 -2.38 6.20 -13.58
CA HIS B 110 -2.88 4.81 -13.65
C HIS B 110 -2.41 4.21 -12.33
N VAL B 111 -3.32 3.75 -11.47
N VAL B 111 -3.33 3.74 -11.49
CA VAL B 111 -2.92 3.20 -10.17
CA VAL B 111 -2.90 3.42 -10.13
C VAL B 111 -1.76 2.26 -10.28
C VAL B 111 -1.88 2.28 -10.18
N HIS B 112 -0.83 2.41 -9.35
CA HIS B 112 0.30 1.48 -9.35
C HIS B 112 0.85 1.35 -7.95
N LEU B 113 1.20 0.09 -7.62
CA LEU B 113 1.87 -0.23 -6.38
C LEU B 113 3.37 -0.34 -6.64
N HIS B 114 4.17 0.47 -5.96
CA HIS B 114 5.63 0.33 -6.00
C HIS B 114 6.03 -0.71 -4.96
N VAL B 115 7.05 -1.49 -5.29
CA VAL B 115 7.70 -2.40 -4.34
C VAL B 115 9.19 -2.14 -4.45
N LEU B 116 9.81 -1.72 -3.35
CA LEU B 116 11.22 -1.33 -3.31
C LEU B 116 11.95 -2.17 -2.28
N GLY B 117 13.12 -2.70 -2.63
CA GLY B 117 13.94 -3.38 -1.64
C GLY B 117 15.32 -3.62 -2.15
N GLY B 118 16.06 -4.44 -1.39
CA GLY B 118 17.46 -4.67 -1.69
C GLY B 118 18.40 -3.66 -1.06
N ARG B 119 17.88 -2.76 -0.25
CA ARG B 119 18.62 -1.82 0.55
C ARG B 119 17.76 -1.54 1.78
N GLN B 120 18.35 -0.91 2.79
CA GLN B 120 17.58 -0.32 3.86
C GLN B 120 16.75 0.81 3.33
N MET B 121 15.44 0.74 3.58
CA MET B 121 14.52 1.85 3.33
C MET B 121 14.47 2.73 4.59
N HIS B 122 14.38 4.05 4.39
CA HIS B 122 14.56 5.02 5.46
C HIS B 122 13.26 5.67 5.88
N TRP B 123 13.32 6.43 6.97
CA TRP B 123 12.13 7.08 7.55
C TRP B 123 12.47 8.52 7.79
N PRO B 124 11.68 9.50 7.33
CA PRO B 124 10.36 9.34 6.72
C PRO B 124 10.44 8.79 5.32
N PRO B 125 9.28 8.31 4.78
CA PRO B 125 9.23 7.70 3.46
C PRO B 125 9.00 8.76 2.39
N GLY B 126 9.93 9.69 2.27
CA GLY B 126 9.75 10.93 1.52
C GLY B 126 9.08 12.02 2.31
#